data_6ZZW
#
_entry.id   6ZZW
#
_cell.length_a   74.459
_cell.length_b   42.912
_cell.length_c   103.345
_cell.angle_alpha   90.000
_cell.angle_beta   96.100
_cell.angle_gamma   90.000
#
_symmetry.space_group_name_H-M   'C 1 2 1'
#
loop_
_entity.id
_entity.type
_entity.pdbx_description
1 polymer Lectin
2 branched alpha-L-fucopyranose-(1-2)-beta-D-galactopyranose-(1-3)-2-acetamido-2-deoxy-beta-D-galactopyranose-(1-3)-alpha-D-galactopyranose-(1-4)-beta-D-galactopyranose
3 branched alpha-L-fucopyranose-(1-2)-beta-D-galactopyranose-(1-3)-2-acetamido-2-deoxy-beta-D-galactopyranose-(1-3)-alpha-D-galactopyranose
4 non-polymer [3-(2-methylimidazol-1-yl)phenyl]methanamine
5 non-polymer 'SODIUM ION'
6 water water
#
_entity_poly.entity_id   1
_entity_poly.type   'polypeptide(L)'
_entity_poly.pdbx_seq_one_letter_code
;GHMPLLSASIVSAPVVTSETYVDIPGLYLDVAKAGIRDGKLQVILNVPTPYATGNNFPGIYFAIATNQGVVADGCFTYSS
KVPESTGRMPFTLVATIDVGSGVTFVKGQWKSVRGSAMHIDSYASLSAIWGTAA
;
_entity_poly.pdbx_strand_id   A,C,B
#
# COMPACT_ATOMS: atom_id res chain seq x y z
N MET A 3 2.07 13.91 19.19
CA MET A 3 1.50 13.04 18.14
C MET A 3 2.60 12.44 17.26
N PRO A 4 3.52 11.64 17.82
CA PRO A 4 4.68 11.12 17.10
C PRO A 4 4.42 10.36 15.79
N LEU A 5 5.25 10.67 14.79
CA LEU A 5 5.34 10.00 13.48
C LEU A 5 6.77 9.45 13.38
N LEU A 6 6.92 8.14 13.28
CA LEU A 6 8.25 7.49 13.15
C LEU A 6 8.44 7.10 11.70
N SER A 7 9.65 7.18 11.17
CA SER A 7 9.92 6.80 9.77
C SER A 7 11.38 6.39 9.62
N ALA A 8 11.60 5.39 8.80
CA ALA A 8 12.94 4.96 8.39
C ALA A 8 12.86 4.63 6.91
N SER A 9 13.90 4.92 6.15
CA SER A 9 13.94 4.62 4.71
C SER A 9 15.34 4.19 4.31
N ILE A 10 15.41 3.34 3.29
CA ILE A 10 16.67 2.82 2.72
C ILE A 10 16.62 3.01 1.20
N VAL A 11 17.73 2.83 0.50
CA VAL A 11 17.74 2.90 -0.97
C VAL A 11 18.29 1.62 -1.55
N SER A 12 18.89 0.75 -0.76
CA SER A 12 19.37 -0.55 -1.22
C SER A 12 19.57 -1.48 -0.02
N ALA A 13 19.80 -2.73 -0.32
CA ALA A 13 20.25 -3.75 0.65
C ALA A 13 21.07 -4.75 -0.10
N PRO A 14 22.11 -5.34 0.52
CA PRO A 14 22.86 -6.40 -0.14
C PRO A 14 21.86 -7.48 -0.56
N VAL A 15 22.03 -8.02 -1.74
CA VAL A 15 21.16 -9.10 -2.27
C VAL A 15 21.47 -10.37 -1.50
N VAL A 16 20.44 -11.05 -1.03
CA VAL A 16 20.59 -12.30 -0.22
C VAL A 16 19.47 -13.26 -0.59
N THR A 17 19.74 -14.55 -0.45
CA THR A 17 18.74 -15.63 -0.48
C THR A 17 18.61 -16.15 0.95
N SER A 18 17.39 -16.33 1.44
CA SER A 18 17.21 -16.84 2.81
C SER A 18 15.92 -17.63 2.91
N GLU A 19 15.96 -18.88 3.41
CA GLU A 19 14.69 -19.63 3.62
C GLU A 19 13.91 -19.11 4.84
N THR A 20 14.53 -18.35 5.73
CA THR A 20 13.89 -17.81 6.94
C THR A 20 14.05 -16.28 7.03
N TYR A 21 13.18 -15.64 7.79
CA TYR A 21 13.18 -14.17 7.89
C TYR A 21 14.56 -13.67 8.36
N VAL A 22 15.05 -12.65 7.67
CA VAL A 22 16.26 -11.88 8.06
C VAL A 22 15.86 -10.42 7.98
N ASP A 23 16.42 -9.59 8.83
CA ASP A 23 16.10 -8.15 8.80
C ASP A 23 16.44 -7.53 7.44
N ILE A 24 15.64 -6.55 7.03
CA ILE A 24 16.02 -5.63 5.92
C ILE A 24 16.85 -4.56 6.58
N PRO A 25 18.18 -4.52 6.36
CA PRO A 25 19.02 -3.61 7.12
C PRO A 25 18.57 -2.16 6.93
N GLY A 26 18.39 -1.45 8.05
CA GLY A 26 18.06 0.00 7.97
C GLY A 26 16.59 0.26 8.17
N LEU A 27 15.71 -0.69 7.88
CA LEU A 27 14.28 -0.52 8.13
C LEU A 27 14.01 -0.90 9.55
N TYR A 28 14.18 0.08 10.45
CA TYR A 28 14.10 -0.17 11.91
C TYR A 28 13.61 1.12 12.55
N LEU A 29 12.69 1.02 13.48
CA LEU A 29 12.22 2.19 14.27
C LEU A 29 12.51 1.90 15.73
N ASP A 30 13.25 2.77 16.40
CA ASP A 30 13.55 2.56 17.83
C ASP A 30 12.41 3.17 18.63
N VAL A 31 11.45 2.34 19.01
CA VAL A 31 10.24 2.83 19.72
C VAL A 31 10.62 3.25 21.14
N ALA A 32 11.55 2.56 21.80
CA ALA A 32 11.97 2.92 23.17
C ALA A 32 12.55 4.35 23.14
N LYS A 33 13.53 4.58 22.26
CA LYS A 33 14.27 5.87 22.13
C LYS A 33 13.30 7.03 21.89
N ALA A 34 12.09 6.78 21.37
CA ALA A 34 11.06 7.81 21.11
C ALA A 34 10.16 8.04 22.34
N GLY A 35 10.38 7.30 23.42
CA GLY A 35 9.55 7.37 24.64
C GLY A 35 8.11 6.94 24.36
N ILE A 36 7.92 5.93 23.52
CA ILE A 36 6.57 5.32 23.30
C ILE A 36 6.56 4.00 24.08
N ARG A 37 5.75 3.90 25.14
CA ARG A 37 5.78 2.77 26.10
C ARG A 37 4.40 2.16 26.21
N ASP A 38 3.38 2.81 25.65
CA ASP A 38 2.01 2.24 25.66
C ASP A 38 1.28 2.72 24.42
N GLY A 39 -0.01 2.42 24.34
CA GLY A 39 -0.84 2.83 23.19
C GLY A 39 -0.62 1.92 22.00
N LYS A 40 -1.01 2.39 20.81
CA LYS A 40 -1.01 1.57 19.57
C LYS A 40 -0.09 2.20 18.51
N LEU A 41 0.46 1.39 17.61
CA LEU A 41 1.21 1.92 16.45
C LEU A 41 0.58 1.34 15.20
N GLN A 42 0.19 2.17 14.24
CA GLN A 42 -0.12 1.70 12.88
C GLN A 42 1.20 1.71 12.12
N VAL A 43 1.65 0.56 11.68
CA VAL A 43 2.98 0.39 11.05
C VAL A 43 2.73 0.07 9.57
N ILE A 44 3.38 0.79 8.68
CA ILE A 44 3.40 0.49 7.23
C ILE A 44 4.81 0.08 6.81
N LEU A 45 4.93 -1.10 6.24
CA LEU A 45 6.15 -1.51 5.49
C LEU A 45 5.86 -1.30 4.00
N ASN A 46 6.65 -0.45 3.36
CA ASN A 46 6.43 0.02 1.97
C ASN A 46 7.66 -0.35 1.13
N VAL A 47 7.53 -1.30 0.27
CA VAL A 47 8.69 -1.71 -0.56
C VAL A 47 8.14 -1.61 -1.97
N PRO A 48 8.15 -0.39 -2.55
CA PRO A 48 7.42 -0.15 -3.77
C PRO A 48 8.09 -0.74 -5.01
N THR A 49 9.38 -1.05 -4.99
CA THR A 49 10.02 -1.47 -6.29
C THR A 49 10.91 -2.69 -6.15
N PRO A 50 10.51 -3.79 -5.50
CA PRO A 50 11.43 -4.88 -5.28
C PRO A 50 11.36 -5.79 -6.50
N TYR A 51 12.33 -6.66 -6.67
CA TYR A 51 12.16 -7.83 -7.58
C TYR A 51 12.85 -9.05 -6.99
N ALA A 52 12.51 -10.23 -7.47
CA ALA A 52 13.09 -11.48 -6.99
C ALA A 52 13.68 -12.21 -8.19
N THR A 53 14.85 -12.81 -8.05
CA THR A 53 15.40 -13.65 -9.16
C THR A 53 15.43 -15.12 -8.72
N GLY A 54 15.22 -16.03 -9.67
CA GLY A 54 15.28 -17.48 -9.43
C GLY A 54 14.57 -18.20 -10.55
N ASN A 55 14.32 -19.48 -10.39
CA ASN A 55 13.80 -20.26 -11.52
C ASN A 55 12.68 -21.16 -11.04
N ASN A 56 11.96 -20.79 -9.98
CA ASN A 56 10.79 -21.61 -9.56
C ASN A 56 9.71 -20.71 -8.98
N PHE A 57 9.03 -19.93 -9.82
CA PHE A 57 7.92 -19.02 -9.41
C PHE A 57 8.47 -18.06 -8.37
N PRO A 58 9.41 -17.15 -8.75
CA PRO A 58 10.10 -16.35 -7.76
C PRO A 58 9.20 -15.34 -7.03
N GLY A 59 9.64 -14.97 -5.85
CA GLY A 59 8.94 -13.98 -5.05
C GLY A 59 9.63 -13.72 -3.72
N ILE A 60 9.05 -12.80 -2.95
CA ILE A 60 9.63 -12.42 -1.65
C ILE A 60 8.52 -12.29 -0.62
N TYR A 61 8.74 -12.86 0.55
CA TYR A 61 7.87 -12.59 1.71
C TYR A 61 8.45 -11.43 2.50
N PHE A 62 7.62 -10.60 3.06
CA PHE A 62 8.04 -9.45 3.87
C PHE A 62 7.22 -9.51 5.13
N ALA A 63 7.79 -9.02 6.22
CA ALA A 63 7.11 -9.05 7.52
C ALA A 63 7.39 -7.76 8.26
N ILE A 64 6.44 -7.39 9.08
CA ILE A 64 6.65 -6.40 10.17
C ILE A 64 6.95 -7.23 11.42
N ALA A 65 8.06 -6.93 12.08
CA ALA A 65 8.47 -7.67 13.29
C ALA A 65 8.78 -6.65 14.40
N THR A 66 8.62 -7.07 15.63
CA THR A 66 9.02 -6.32 16.83
C THR A 66 10.11 -7.09 17.55
N ASN A 67 10.38 -6.73 18.79
CA ASN A 67 11.36 -7.49 19.59
C ASN A 67 10.71 -8.79 20.03
N GLN A 68 9.39 -8.92 19.92
CA GLN A 68 8.68 -10.17 20.23
C GLN A 68 8.38 -10.99 18.95
N GLY A 69 8.96 -10.66 17.80
CA GLY A 69 8.84 -11.46 16.57
C GLY A 69 7.89 -10.88 15.54
N VAL A 70 7.50 -11.71 14.58
CA VAL A 70 6.65 -11.30 13.42
C VAL A 70 5.22 -10.95 13.87
N VAL A 71 4.75 -9.80 13.43
CA VAL A 71 3.38 -9.31 13.75
C VAL A 71 2.48 -9.67 12.58
N ALA A 72 2.96 -9.51 11.38
CA ALA A 72 2.17 -9.76 10.15
C ALA A 72 3.13 -9.97 8.99
N ASP A 73 2.70 -10.70 7.98
CA ASP A 73 3.56 -10.90 6.80
C ASP A 73 2.71 -11.13 5.56
N GLY A 74 3.32 -10.95 4.40
CA GLY A 74 2.69 -11.15 3.08
C GLY A 74 3.75 -11.42 2.04
N CYS A 75 3.38 -11.73 0.81
CA CYS A 75 4.37 -11.89 -0.24
C CYS A 75 3.83 -11.50 -1.60
N PHE A 76 4.76 -11.21 -2.53
CA PHE A 76 4.41 -11.20 -3.97
C PHE A 76 5.12 -12.40 -4.57
N THR A 77 4.56 -12.92 -5.63
CA THR A 77 5.26 -13.89 -6.48
C THR A 77 4.87 -13.64 -7.92
N TYR A 78 5.76 -14.00 -8.83
CA TYR A 78 5.45 -13.90 -10.27
C TYR A 78 4.49 -15.06 -10.62
N SER A 79 3.91 -15.00 -11.81
CA SER A 79 2.93 -15.99 -12.34
C SER A 79 3.58 -16.84 -13.44
N SER A 80 4.90 -16.79 -13.59
CA SER A 80 5.68 -17.67 -14.52
C SER A 80 6.74 -18.40 -13.73
N LYS A 81 7.11 -19.62 -14.13
CA LYS A 81 8.14 -20.35 -13.35
C LYS A 81 9.46 -19.58 -13.49
N VAL A 82 9.79 -19.18 -14.70
CA VAL A 82 11.02 -18.43 -15.03
C VAL A 82 10.59 -17.20 -15.82
N PRO A 83 10.27 -16.08 -15.15
CA PRO A 83 9.75 -14.91 -15.86
C PRO A 83 10.73 -14.44 -16.97
N GLU A 84 10.17 -13.94 -18.07
CA GLU A 84 10.98 -13.38 -19.19
C GLU A 84 11.84 -12.27 -18.61
N SER A 85 11.28 -11.42 -17.77
CA SER A 85 12.02 -10.38 -17.01
C SER A 85 11.46 -10.33 -15.59
N THR A 86 12.30 -10.13 -14.58
CA THR A 86 11.78 -10.06 -13.18
C THR A 86 11.29 -8.64 -12.95
N GLY A 87 10.01 -8.39 -13.21
CA GLY A 87 9.41 -7.05 -13.09
C GLY A 87 9.27 -6.58 -11.66
N ARG A 88 9.07 -5.30 -11.51
CA ARG A 88 8.98 -4.62 -10.19
C ARG A 88 7.57 -4.81 -9.66
N MET A 89 7.48 -5.34 -8.46
CA MET A 89 6.23 -5.82 -7.83
C MET A 89 5.97 -5.03 -6.55
N PRO A 90 5.33 -3.86 -6.61
CA PRO A 90 5.11 -3.01 -5.43
C PRO A 90 4.46 -3.76 -4.27
N PHE A 91 4.97 -3.60 -3.06
CA PHE A 91 4.51 -4.36 -1.89
C PHE A 91 4.28 -3.39 -0.71
N THR A 92 3.11 -3.48 -0.10
CA THR A 92 2.77 -2.69 1.12
C THR A 92 2.14 -3.66 2.12
N LEU A 93 2.52 -3.55 3.39
CA LEU A 93 1.97 -4.36 4.50
C LEU A 93 1.63 -3.40 5.64
N VAL A 94 0.47 -3.52 6.21
CA VAL A 94 -0.04 -2.60 7.27
C VAL A 94 -0.46 -3.43 8.46
N ALA A 95 0.02 -3.07 9.65
CA ALA A 95 -0.32 -3.83 10.88
C ALA A 95 -0.37 -2.86 12.04
N THR A 96 -1.22 -3.14 13.02
CA THR A 96 -1.34 -2.28 14.22
C THR A 96 -0.80 -3.07 15.42
N ILE A 97 0.08 -2.50 16.23
CA ILE A 97 0.74 -3.24 17.36
C ILE A 97 0.38 -2.58 18.72
N ASP A 98 0.40 -3.37 19.79
CA ASP A 98 0.29 -2.93 21.22
C ASP A 98 1.68 -2.65 21.76
N VAL A 99 2.04 -1.39 21.93
CA VAL A 99 3.41 -1.09 22.44
C VAL A 99 3.58 -1.59 23.88
N GLY A 100 2.53 -1.54 24.68
CA GLY A 100 2.54 -1.91 26.11
C GLY A 100 3.03 -3.32 26.39
N SER A 101 2.97 -4.24 25.43
CA SER A 101 3.33 -5.67 25.67
CA SER A 101 3.34 -5.67 25.62
C SER A 101 4.85 -5.87 25.83
N GLY A 102 5.63 -4.87 25.49
CA GLY A 102 7.09 -4.98 25.65
C GLY A 102 7.81 -4.58 24.39
N VAL A 103 7.12 -3.86 23.50
CA VAL A 103 7.70 -3.46 22.18
C VAL A 103 8.79 -2.41 22.41
N THR A 104 10.03 -2.69 22.05
CA THR A 104 11.09 -1.68 22.09
C THR A 104 11.44 -1.25 20.66
N PHE A 105 11.14 -2.06 19.64
CA PHE A 105 11.50 -1.68 18.27
C PHE A 105 10.55 -2.35 17.28
N VAL A 106 10.42 -1.75 16.08
CA VAL A 106 9.69 -2.36 14.94
C VAL A 106 10.69 -2.46 13.80
N LYS A 107 10.63 -3.55 13.03
CA LYS A 107 11.60 -3.68 11.93
C LYS A 107 10.93 -4.40 10.77
N GLY A 108 11.50 -4.23 9.61
CA GLY A 108 11.07 -4.98 8.40
C GLY A 108 11.97 -6.16 8.24
N GLN A 109 11.40 -7.29 7.84
CA GLN A 109 12.20 -8.47 7.49
C GLN A 109 11.73 -8.98 6.15
N TRP A 110 12.51 -9.83 5.55
CA TRP A 110 12.14 -10.52 4.31
C TRP A 110 12.70 -11.93 4.28
N LYS A 111 12.13 -12.78 3.42
CA LYS A 111 12.66 -14.13 3.21
C LYS A 111 12.27 -14.58 1.83
N SER A 112 13.05 -15.49 1.29
CA SER A 112 12.92 -16.01 -0.10
C SER A 112 11.66 -16.88 -0.24
N VAL A 113 10.97 -16.71 -1.38
CA VAL A 113 10.00 -17.69 -1.91
C VAL A 113 10.78 -18.62 -2.81
N ARG A 114 10.88 -19.89 -2.44
CA ARG A 114 11.45 -20.97 -3.30
C ARG A 114 12.86 -20.59 -3.78
N GLY A 115 13.75 -20.23 -2.88
CA GLY A 115 15.17 -19.97 -3.16
C GLY A 115 15.44 -18.68 -3.95
N SER A 116 14.50 -17.75 -4.03
CA SER A 116 14.67 -16.46 -4.77
C SER A 116 15.70 -15.56 -4.08
N ALA A 117 16.54 -14.91 -4.86
CA ALA A 117 17.42 -13.82 -4.41
C ALA A 117 16.55 -12.58 -4.27
N MET A 118 16.73 -11.83 -3.20
CA MET A 118 15.83 -10.70 -2.86
C MET A 118 16.49 -9.38 -3.24
N HIS A 119 15.80 -8.52 -3.98
CA HIS A 119 16.38 -7.23 -4.45
C HIS A 119 15.60 -5.97 -4.04
N ILE A 120 16.27 -5.07 -3.35
CA ILE A 120 15.91 -3.65 -3.15
C ILE A 120 17.08 -2.80 -3.63
N ASP A 121 16.85 -1.95 -4.63
CA ASP A 121 17.89 -1.08 -5.22
C ASP A 121 17.34 0.34 -5.30
N SER A 122 16.25 0.62 -4.63
CA SER A 122 15.65 1.98 -4.61
C SER A 122 14.89 2.15 -3.30
N TYR A 123 14.29 3.31 -3.15
CA TYR A 123 13.57 3.72 -1.93
C TYR A 123 12.61 2.63 -1.41
N ALA A 124 12.67 2.39 -0.11
CA ALA A 124 11.76 1.53 0.68
C ALA A 124 11.63 2.15 2.05
N SER A 125 10.49 2.03 2.69
CA SER A 125 10.30 2.71 3.99
C SER A 125 9.56 1.86 5.02
N LEU A 126 9.74 2.23 6.27
CA LEU A 126 8.99 1.66 7.41
C LEU A 126 8.51 2.89 8.19
N SER A 127 7.21 3.03 8.40
CA SER A 127 6.61 4.25 9.03
C SER A 127 5.66 3.80 10.12
N ALA A 128 5.43 4.65 11.10
CA ALA A 128 4.48 4.30 12.17
C ALA A 128 3.82 5.55 12.72
N ILE A 129 2.52 5.50 12.91
CA ILE A 129 1.75 6.61 13.52
C ILE A 129 1.29 6.11 14.88
N TRP A 130 1.51 6.91 15.91
CA TRP A 130 1.17 6.52 17.31
C TRP A 130 -0.21 7.03 17.66
N GLY A 131 -1.06 6.17 18.22
CA GLY A 131 -2.35 6.57 18.79
C GLY A 131 -2.72 5.68 19.96
N THR A 132 -4.01 5.55 20.25
CA THR A 132 -4.54 4.80 21.42
C THR A 132 -5.63 3.86 20.91
N ALA A 133 -6.24 3.12 21.83
CA ALA A 133 -7.46 2.29 21.60
C ALA A 133 -8.71 3.17 21.58
N MET B 3 -6.06 17.72 14.75
CA MET B 3 -5.42 16.47 14.23
C MET B 3 -5.72 16.29 12.75
N PRO B 4 -5.26 17.21 11.88
CA PRO B 4 -5.68 17.23 10.48
C PRO B 4 -5.28 16.02 9.64
N LEU B 5 -6.23 15.57 8.82
CA LEU B 5 -6.08 14.55 7.75
C LEU B 5 -6.31 15.26 6.44
N LEU B 6 -5.34 15.22 5.53
CA LEU B 6 -5.45 15.82 4.17
C LEU B 6 -5.72 14.69 3.18
N SER B 7 -6.53 14.93 2.17
CA SER B 7 -6.91 13.91 1.18
C SER B 7 -7.24 14.56 -0.17
N ALA B 8 -6.83 13.93 -1.25
CA ALA B 8 -7.24 14.29 -2.60
C ALA B 8 -7.43 12.99 -3.37
N SER B 9 -8.41 12.92 -4.26
CA SER B 9 -8.63 11.72 -5.10
C SER B 9 -9.03 12.11 -6.50
N ILE B 10 -8.76 11.20 -7.45
CA ILE B 10 -9.11 11.42 -8.88
C ILE B 10 -9.76 10.13 -9.39
N VAL B 11 -10.39 10.19 -10.57
CA VAL B 11 -10.93 8.97 -11.20
C VAL B 11 -10.31 8.73 -12.56
N SER B 12 -9.58 9.69 -13.13
CA SER B 12 -8.93 9.50 -14.44
C SER B 12 -7.85 10.57 -14.61
N ALA B 13 -7.05 10.40 -15.64
CA ALA B 13 -6.07 11.41 -16.12
C ALA B 13 -5.88 11.17 -17.59
N PRO B 14 -5.67 12.27 -18.37
CA PRO B 14 -5.31 12.12 -19.77
C PRO B 14 -4.15 11.13 -19.82
N VAL B 15 -4.20 10.25 -20.80
CA VAL B 15 -3.12 9.27 -21.01
C VAL B 15 -1.95 10.05 -21.60
N VAL B 16 -0.76 9.86 -21.05
CA VAL B 16 0.47 10.56 -21.53
C VAL B 16 1.65 9.61 -21.44
N THR B 17 2.66 9.91 -22.25
CA THR B 17 4.01 9.31 -22.17
C THR B 17 4.96 10.42 -21.73
N SER B 18 5.85 10.14 -20.81
CA SER B 18 6.83 11.15 -20.40
C SER B 18 8.10 10.49 -19.88
N GLU B 19 9.25 10.93 -20.40
CA GLU B 19 10.59 10.51 -19.94
C GLU B 19 10.90 11.02 -18.54
N THR B 20 10.29 12.12 -18.12
CA THR B 20 10.61 12.74 -16.83
C THR B 20 9.33 12.97 -16.03
N TYR B 21 9.45 13.18 -14.73
CA TYR B 21 8.26 13.28 -13.87
C TYR B 21 7.34 14.42 -14.35
N VAL B 22 6.05 14.13 -14.43
CA VAL B 22 5.00 15.15 -14.65
C VAL B 22 3.92 14.92 -13.62
N ASP B 23 3.25 16.00 -13.21
CA ASP B 23 2.19 15.92 -12.19
C ASP B 23 1.11 14.92 -12.60
N ILE B 24 0.54 14.19 -11.64
CA ILE B 24 -0.73 13.44 -11.90
C ILE B 24 -1.82 14.45 -11.58
N PRO B 25 -2.55 15.00 -12.58
CA PRO B 25 -3.47 16.10 -12.31
C PRO B 25 -4.47 15.73 -11.22
N GLY B 26 -4.62 16.61 -10.22
CA GLY B 26 -5.66 16.43 -9.20
C GLY B 26 -5.11 15.81 -7.94
N LEU B 27 -3.96 15.15 -8.00
CA LEU B 27 -3.35 14.56 -6.79
C LEU B 27 -2.44 15.60 -6.18
N TYR B 28 -3.01 16.47 -5.37
CA TYR B 28 -2.32 17.66 -4.82
C TYR B 28 -2.94 17.97 -3.48
N LEU B 29 -2.12 18.24 -2.50
CA LEU B 29 -2.58 18.69 -1.16
C LEU B 29 -2.00 20.07 -0.91
N ASP B 30 -2.85 21.04 -0.63
CA ASP B 30 -2.37 22.41 -0.36
C ASP B 30 -2.06 22.51 1.11
N VAL B 31 -0.81 22.28 1.49
CA VAL B 31 -0.42 22.18 2.93
C VAL B 31 -0.49 23.58 3.58
N ALA B 32 -0.05 24.60 2.85
CA ALA B 32 0.01 25.99 3.37
C ALA B 32 -1.41 26.45 3.68
N LYS B 33 -2.33 26.30 2.73
CA LYS B 33 -3.78 26.64 2.84
C LYS B 33 -4.39 25.98 4.08
N ALA B 34 -3.82 24.87 4.58
CA ALA B 34 -4.34 24.16 5.78
C ALA B 34 -3.68 24.69 7.06
N GLY B 35 -2.75 25.62 6.96
CA GLY B 35 -2.04 26.15 8.14
C GLY B 35 -1.14 25.10 8.76
N ILE B 36 -0.58 24.17 7.97
CA ILE B 36 0.48 23.26 8.47
C ILE B 36 1.81 23.92 8.11
N ARG B 37 2.61 24.32 9.11
CA ARG B 37 3.82 25.14 8.87
C ARG B 37 5.05 24.45 9.39
N ASP B 38 4.87 23.47 10.26
CA ASP B 38 5.97 22.73 10.89
C ASP B 38 5.54 21.29 11.11
N GLY B 39 6.35 20.51 11.79
CA GLY B 39 6.01 19.13 12.14
C GLY B 39 6.25 18.19 10.97
N LYS B 40 5.56 17.05 10.94
CA LYS B 40 5.82 15.99 9.93
C LYS B 40 4.52 15.56 9.24
N LEU B 41 4.64 15.06 8.02
CA LEU B 41 3.48 14.55 7.26
C LEU B 41 3.82 13.13 6.84
N GLN B 42 2.95 12.17 7.15
CA GLN B 42 3.08 10.83 6.55
C GLN B 42 2.22 10.89 5.31
N VAL B 43 2.81 10.78 4.15
CA VAL B 43 2.09 10.93 2.85
C VAL B 43 1.98 9.56 2.19
N ILE B 44 0.80 9.23 1.68
CA ILE B 44 0.55 7.97 0.96
C ILE B 44 0.06 8.31 -0.45
N LEU B 45 0.76 7.85 -1.46
CA LEU B 45 0.28 7.89 -2.86
C LEU B 45 -0.28 6.51 -3.17
N ASN B 46 -1.56 6.40 -3.50
CA ASN B 46 -2.30 5.15 -3.66
C ASN B 46 -2.85 5.11 -5.08
N VAL B 47 -2.27 4.27 -5.92
CA VAL B 47 -2.76 4.20 -7.32
C VAL B 47 -3.09 2.74 -7.50
N PRO B 48 -4.29 2.30 -7.07
CA PRO B 48 -4.56 0.88 -6.92
C PRO B 48 -4.78 0.16 -8.23
N THR B 49 -5.13 0.84 -9.31
CA THR B 49 -5.54 0.14 -10.57
C THR B 49 -4.93 0.79 -11.81
N PRO B 50 -3.61 1.06 -11.87
CA PRO B 50 -3.04 1.70 -13.03
C PRO B 50 -2.73 0.58 -14.06
N TYR B 51 -2.52 0.95 -15.29
CA TYR B 51 -1.81 0.06 -16.24
C TYR B 51 -0.95 0.88 -17.19
N ALA B 52 -0.03 0.22 -17.88
CA ALA B 52 0.91 0.88 -18.79
C ALA B 52 0.82 0.14 -20.12
N THR B 53 0.88 0.87 -21.23
CA THR B 53 0.89 0.23 -22.57
C THR B 53 2.22 0.56 -23.23
N GLY B 54 2.80 -0.40 -23.93
CA GLY B 54 4.05 -0.23 -24.67
C GLY B 54 4.55 -1.57 -25.11
N ASN B 55 5.75 -1.59 -25.65
CA ASN B 55 6.25 -2.84 -26.24
C ASN B 55 7.65 -3.12 -25.73
N ASN B 56 8.04 -2.55 -24.60
CA ASN B 56 9.42 -2.83 -24.08
C ASN B 56 9.40 -2.97 -22.55
N PHE B 57 8.79 -4.03 -22.01
CA PHE B 57 8.71 -4.26 -20.53
C PHE B 57 8.05 -3.04 -19.89
N PRO B 58 6.74 -2.82 -20.16
CA PRO B 58 6.12 -1.57 -19.75
C PRO B 58 5.98 -1.43 -18.23
N GLY B 59 5.81 -0.19 -17.80
CA GLY B 59 5.62 0.15 -16.41
C GLY B 59 5.50 1.63 -16.19
N ILE B 60 5.28 2.00 -14.94
CA ILE B 60 5.12 3.43 -14.58
C ILE B 60 5.90 3.67 -13.30
N TYR B 61 6.66 4.75 -13.28
CA TYR B 61 7.24 5.29 -12.03
C TYR B 61 6.28 6.29 -11.43
N PHE B 62 6.21 6.32 -10.11
CA PHE B 62 5.34 7.27 -9.38
C PHE B 62 6.19 7.89 -8.29
N ALA B 63 5.97 9.15 -7.99
CA ALA B 63 6.74 9.88 -6.98
C ALA B 63 5.78 10.69 -6.09
N ILE B 64 6.19 10.83 -4.85
CA ILE B 64 5.66 11.92 -3.96
C ILE B 64 6.62 13.11 -4.12
N ALA B 65 6.10 14.27 -4.46
CA ALA B 65 6.89 15.49 -4.68
C ALA B 65 6.27 16.61 -3.83
N THR B 66 7.11 17.55 -3.41
CA THR B 66 6.63 18.79 -2.78
C THR B 66 7.00 19.96 -3.68
N ASN B 67 6.94 21.17 -3.15
CA ASN B 67 7.40 22.34 -3.93
C ASN B 67 8.93 22.29 -4.02
N GLN B 68 9.58 21.40 -3.27
CA GLN B 68 11.03 21.28 -3.29
C GLN B 68 11.50 20.05 -4.05
N GLY B 69 10.61 19.38 -4.76
CA GLY B 69 10.94 18.29 -5.68
C GLY B 69 10.56 16.93 -5.10
N VAL B 70 11.11 15.87 -5.69
CA VAL B 70 10.70 14.49 -5.40
C VAL B 70 11.24 14.07 -4.04
N VAL B 71 10.42 13.45 -3.22
CA VAL B 71 10.75 12.98 -1.86
C VAL B 71 11.08 11.49 -1.90
N ALA B 72 10.25 10.72 -2.58
CA ALA B 72 10.43 9.26 -2.72
C ALA B 72 9.76 8.82 -4.02
N ASP B 73 10.21 7.71 -4.56
CA ASP B 73 9.62 7.21 -5.82
C ASP B 73 9.80 5.71 -5.90
N GLY B 74 9.01 5.09 -6.76
CA GLY B 74 9.04 3.64 -7.01
C GLY B 74 8.41 3.37 -8.35
N CYS B 75 8.41 2.12 -8.78
CA CYS B 75 7.67 1.80 -10.02
C CYS B 75 7.13 0.37 -10.00
N PHE B 76 6.15 0.08 -10.86
CA PHE B 76 5.85 -1.33 -11.24
C PHE B 76 6.31 -1.52 -12.67
N THR B 77 6.62 -2.75 -13.02
CA THR B 77 6.86 -3.16 -14.42
C THR B 77 6.27 -4.55 -14.62
N TYR B 78 5.85 -4.82 -15.85
CA TYR B 78 5.39 -6.15 -16.24
C TYR B 78 6.61 -7.06 -16.30
N SER B 79 6.36 -8.38 -16.35
CA SER B 79 7.42 -9.41 -16.43
C SER B 79 7.52 -10.01 -17.83
N SER B 80 6.94 -9.36 -18.83
CA SER B 80 6.96 -9.71 -20.28
C SER B 80 7.29 -8.47 -21.08
N LYS B 81 7.98 -8.62 -22.22
CA LYS B 81 8.35 -7.47 -23.08
C LYS B 81 7.07 -6.90 -23.66
N VAL B 82 6.21 -7.76 -24.18
CA VAL B 82 4.91 -7.33 -24.78
C VAL B 82 3.83 -8.15 -24.10
N PRO B 83 3.29 -7.68 -22.95
CA PRO B 83 2.31 -8.46 -22.20
C PRO B 83 1.11 -8.86 -23.07
N GLU B 84 0.56 -10.05 -22.85
CA GLU B 84 -0.63 -10.51 -23.62
C GLU B 84 -1.75 -9.51 -23.34
N SER B 85 -1.89 -9.08 -22.09
CA SER B 85 -2.82 -8.02 -21.67
C SER B 85 -2.12 -7.16 -20.62
N THR B 86 -2.31 -5.85 -20.67
CA THR B 86 -1.63 -4.95 -19.68
C THR B 86 -2.52 -4.97 -18.42
N GLY B 87 -2.21 -5.87 -17.50
CA GLY B 87 -3.00 -6.06 -16.28
C GLY B 87 -2.86 -4.91 -15.30
N ARG B 88 -3.76 -4.87 -14.34
CA ARG B 88 -3.84 -3.79 -13.32
C ARG B 88 -2.85 -4.13 -12.22
N MET B 89 -1.92 -3.22 -11.96
CA MET B 89 -0.76 -3.42 -11.05
C MET B 89 -0.84 -2.44 -9.90
N PRO B 90 -1.54 -2.75 -8.80
CA PRO B 90 -1.70 -1.80 -7.70
C PRO B 90 -0.38 -1.27 -7.15
N PHE B 91 -0.28 0.03 -6.92
CA PHE B 91 0.94 0.72 -6.52
C PHE B 91 0.63 1.60 -5.32
N THR B 92 1.42 1.48 -4.25
CA THR B 92 1.34 2.36 -3.07
C THR B 92 2.77 2.83 -2.77
N LEU B 93 2.93 4.11 -2.36
CA LEU B 93 4.20 4.73 -1.97
C LEU B 93 3.93 5.53 -0.69
N VAL B 94 4.79 5.40 0.30
CA VAL B 94 4.65 6.04 1.63
C VAL B 94 5.94 6.79 1.91
N ALA B 95 5.84 8.04 2.35
CA ALA B 95 7.03 8.84 2.67
C ALA B 95 6.65 9.79 3.79
N THR B 96 7.63 10.24 4.55
CA THR B 96 7.42 11.17 5.68
C THR B 96 8.22 12.44 5.37
N ILE B 97 7.58 13.62 5.31
CA ILE B 97 8.25 14.89 4.93
C ILE B 97 8.29 15.85 6.14
N ASP B 98 9.30 16.73 6.17
CA ASP B 98 9.48 17.86 7.13
C ASP B 98 8.87 19.12 6.57
N VAL B 99 7.73 19.56 7.11
CA VAL B 99 7.00 20.70 6.51
C VAL B 99 7.81 21.99 6.68
N GLY B 100 8.48 22.16 7.81
CA GLY B 100 9.19 23.39 8.19
C GLY B 100 10.33 23.77 7.25
N SER B 101 10.74 22.87 6.34
CA SER B 101 11.81 23.19 5.37
C SER B 101 11.30 24.20 4.35
N GLY B 102 9.99 24.34 4.17
CA GLY B 102 9.46 25.24 3.13
C GLY B 102 8.41 24.58 2.30
N VAL B 103 7.84 23.49 2.80
CA VAL B 103 6.78 22.70 2.11
C VAL B 103 5.50 23.51 2.07
N THR B 104 4.97 23.81 0.91
CA THR B 104 3.66 24.47 0.74
C THR B 104 2.66 23.52 0.07
N PHE B 105 3.15 22.48 -0.60
CA PHE B 105 2.21 21.53 -1.25
C PHE B 105 2.89 20.16 -1.35
N VAL B 106 2.06 19.12 -1.44
CA VAL B 106 2.52 17.74 -1.75
C VAL B 106 1.74 17.31 -2.99
N LYS B 107 2.38 16.59 -3.89
CA LYS B 107 1.69 16.12 -5.10
C LYS B 107 2.22 14.76 -5.52
N GLY B 108 1.43 14.04 -6.30
CA GLY B 108 1.85 12.81 -6.95
C GLY B 108 2.34 13.13 -8.33
N GLN B 109 3.40 12.47 -8.77
CA GLN B 109 3.86 12.60 -10.16
C GLN B 109 4.07 11.21 -10.74
N TRP B 110 4.17 11.13 -12.02
CA TRP B 110 4.46 9.85 -12.69
C TRP B 110 5.36 10.08 -13.88
N LYS B 111 6.02 9.01 -14.34
CA LYS B 111 6.79 9.07 -15.57
C LYS B 111 6.87 7.67 -16.13
N SER B 112 7.09 7.62 -17.42
CA SER B 112 7.09 6.38 -18.23
C SER B 112 8.32 5.51 -17.90
N VAL B 113 8.12 4.20 -17.84
CA VAL B 113 9.20 3.19 -17.95
C VAL B 113 9.29 2.83 -19.42
N ARG B 114 10.44 3.08 -20.03
CA ARG B 114 10.72 2.66 -21.46
C ARG B 114 9.58 3.07 -22.42
N GLY B 115 9.22 4.34 -22.41
CA GLY B 115 8.24 4.95 -23.33
C GLY B 115 6.81 4.47 -23.16
N SER B 116 6.44 3.85 -22.02
CA SER B 116 5.06 3.41 -21.72
C SER B 116 4.08 4.58 -21.63
N ALA B 117 2.89 4.39 -22.18
CA ALA B 117 1.73 5.26 -21.95
C ALA B 117 1.15 4.90 -20.59
N MET B 118 0.83 5.92 -19.81
CA MET B 118 0.44 5.81 -18.40
C MET B 118 -1.06 5.99 -18.27
N HIS B 119 -1.72 5.02 -17.62
CA HIS B 119 -3.19 4.96 -17.56
C HIS B 119 -3.71 4.95 -16.11
N ILE B 120 -4.48 5.94 -15.76
CA ILE B 120 -5.44 5.91 -14.61
C ILE B 120 -6.86 6.15 -15.14
N ASP B 121 -7.78 5.21 -14.92
CA ASP B 121 -9.18 5.29 -15.37
C ASP B 121 -10.12 4.99 -14.22
N SER B 122 -9.63 4.98 -12.98
CA SER B 122 -10.43 4.73 -11.78
C SER B 122 -9.77 5.42 -10.57
N TYR B 123 -10.38 5.25 -9.41
CA TYR B 123 -9.98 5.93 -8.14
C TYR B 123 -8.47 5.84 -7.91
N ALA B 124 -7.85 6.98 -7.57
CA ALA B 124 -6.46 7.08 -7.07
C ALA B 124 -6.47 8.19 -6.01
N SER B 125 -5.65 8.07 -4.98
CA SER B 125 -5.68 9.08 -3.89
C SER B 125 -4.26 9.52 -3.50
N LEU B 126 -4.20 10.66 -2.83
CA LEU B 126 -3.00 11.18 -2.15
C LEU B 126 -3.52 11.62 -0.79
N SER B 127 -2.93 11.13 0.30
CA SER B 127 -3.42 11.36 1.68
C SER B 127 -2.24 11.75 2.55
N ALA B 128 -2.50 12.48 3.63
CA ALA B 128 -1.41 12.81 4.56
C ALA B 128 -1.93 12.95 5.98
N ILE B 129 -1.21 12.41 6.93
CA ILE B 129 -1.52 12.53 8.38
C ILE B 129 -0.46 13.47 8.97
N TRP B 130 -0.86 14.49 9.70
CA TRP B 130 0.07 15.48 10.30
C TRP B 130 0.49 15.00 11.68
N GLY B 131 1.76 15.08 11.99
CA GLY B 131 2.31 14.66 13.27
C GLY B 131 3.52 15.48 13.65
N THR B 132 4.29 15.03 14.63
CA THR B 132 5.51 15.73 15.12
C THR B 132 6.63 14.70 15.19
N ALA B 133 7.85 15.15 15.47
CA ALA B 133 9.06 14.31 15.61
C ALA B 133 8.91 13.37 16.81
N HIS C 2 -8.11 9.62 23.06
CA HIS C 2 -7.89 10.97 22.45
C HIS C 2 -7.48 10.81 20.98
N MET C 3 -6.73 9.77 20.63
CA MET C 3 -6.20 9.66 19.25
C MET C 3 -6.41 8.24 18.75
N PRO C 4 -7.66 7.82 18.53
CA PRO C 4 -7.99 6.45 18.17
C PRO C 4 -7.36 5.90 16.90
N LEU C 5 -6.96 4.63 16.99
CA LEU C 5 -6.46 3.80 15.86
C LEU C 5 -7.38 2.59 15.84
N LEU C 6 -8.09 2.36 14.74
CA LEU C 6 -8.98 1.19 14.58
C LEU C 6 -8.30 0.16 13.69
N SER C 7 -8.48 -1.12 13.99
CA SER C 7 -7.81 -2.18 13.21
C SER C 7 -8.58 -3.49 13.29
N ALA C 8 -8.58 -4.22 12.19
CA ALA C 8 -9.17 -5.56 12.11
C ALA C 8 -8.31 -6.35 11.15
N SER C 9 -8.07 -7.61 11.45
CA SER C 9 -7.23 -8.47 10.59
C SER C 9 -7.89 -9.84 10.47
N ILE C 10 -7.68 -10.47 9.32
CA ILE C 10 -8.11 -11.87 9.07
C ILE C 10 -6.90 -12.68 8.58
N VAL C 11 -7.07 -14.00 8.49
CA VAL C 11 -6.00 -14.87 7.97
C VAL C 11 -6.53 -15.71 6.84
N SER C 12 -7.84 -15.73 6.60
CA SER C 12 -8.44 -16.50 5.51
C SER C 12 -9.88 -16.03 5.25
N ALA C 13 -10.48 -16.50 4.17
CA ALA C 13 -11.92 -16.36 3.89
C ALA C 13 -12.32 -17.51 2.97
N PRO C 14 -13.59 -18.00 3.11
CA PRO C 14 -14.11 -18.97 2.16
C PRO C 14 -13.92 -18.39 0.76
N VAL C 15 -13.43 -19.22 -0.13
CA VAL C 15 -13.20 -18.89 -1.55
C VAL C 15 -14.59 -18.78 -2.16
N VAL C 16 -14.84 -17.66 -2.83
CA VAL C 16 -16.13 -17.37 -3.50
C VAL C 16 -15.85 -16.68 -4.83
N THR C 17 -16.78 -16.91 -5.78
CA THR C 17 -16.93 -16.15 -7.01
C THR C 17 -18.17 -15.25 -6.89
N SER C 18 -18.04 -13.98 -7.23
CA SER C 18 -19.17 -13.04 -7.17
C SER C 18 -19.01 -11.96 -8.24
N GLU C 19 -20.04 -11.77 -9.05
CA GLU C 19 -20.06 -10.65 -10.05
C GLU C 19 -20.27 -9.29 -9.34
N THR C 20 -20.79 -9.25 -8.11
CA THR C 20 -21.01 -8.01 -7.36
C THR C 20 -20.30 -8.06 -6.00
N TYR C 21 -20.13 -6.89 -5.38
CA TYR C 21 -19.41 -6.76 -4.11
C TYR C 21 -20.11 -7.60 -3.03
N VAL C 22 -19.29 -8.37 -2.33
CA VAL C 22 -19.68 -9.12 -1.11
C VAL C 22 -18.62 -8.80 -0.07
N ASP C 23 -19.04 -8.71 1.18
CA ASP C 23 -18.11 -8.41 2.30
C ASP C 23 -16.96 -9.42 2.33
N ILE C 24 -15.75 -8.95 2.68
CA ILE C 24 -14.65 -9.87 3.09
C ILE C 24 -14.90 -10.13 4.57
N PRO C 25 -15.34 -11.33 4.97
CA PRO C 25 -15.73 -11.53 6.37
C PRO C 25 -14.59 -11.22 7.33
N GLY C 26 -14.91 -10.44 8.38
CA GLY C 26 -13.94 -10.13 9.45
C GLY C 26 -13.24 -8.81 9.24
N LEU C 27 -13.23 -8.26 8.04
CA LEU C 27 -12.62 -6.95 7.76
C LEU C 27 -13.74 -5.93 7.93
N TYR C 28 -13.94 -5.54 9.16
CA TYR C 28 -15.04 -4.65 9.57
C TYR C 28 -14.53 -3.82 10.75
N LEU C 29 -14.83 -2.56 10.78
CA LEU C 29 -14.48 -1.66 11.91
C LEU C 29 -15.77 -1.08 12.45
N ASP C 30 -16.05 -1.29 13.73
CA ASP C 30 -17.33 -0.83 14.31
C ASP C 30 -17.10 0.59 14.80
N VAL C 31 -17.38 1.57 13.95
CA VAL C 31 -17.05 2.99 14.21
C VAL C 31 -17.99 3.52 15.31
N ALA C 32 -19.26 3.11 15.34
CA ALA C 32 -20.19 3.60 16.38
C ALA C 32 -19.70 3.15 17.75
N LYS C 33 -19.37 1.86 17.89
CA LYS C 33 -18.85 1.23 19.15
C LYS C 33 -17.67 2.02 19.70
N ALA C 34 -16.93 2.78 18.88
CA ALA C 34 -15.71 3.51 19.29
C ALA C 34 -16.03 4.95 19.70
N GLY C 35 -17.28 5.40 19.58
CA GLY C 35 -17.61 6.80 19.89
C GLY C 35 -17.00 7.76 18.88
N ILE C 36 -16.75 7.34 17.64
CA ILE C 36 -16.38 8.29 16.55
C ILE C 36 -17.71 8.66 15.89
N ARG C 37 -18.12 9.92 16.02
CA ARG C 37 -19.42 10.38 15.48
C ARG C 37 -19.20 11.48 14.47
N ASP C 38 -18.01 12.04 14.44
CA ASP C 38 -17.65 13.23 13.65
C ASP C 38 -16.22 13.08 13.16
N GLY C 39 -15.75 14.05 12.39
CA GLY C 39 -14.34 14.12 11.99
C GLY C 39 -14.09 13.27 10.74
N LYS C 40 -12.83 12.91 10.50
CA LYS C 40 -12.42 12.17 9.28
C LYS C 40 -11.81 10.82 9.68
N LEU C 41 -11.80 9.85 8.78
CA LEU C 41 -11.07 8.58 9.01
C LEU C 41 -10.22 8.34 7.78
N GLN C 42 -8.91 8.13 7.95
CA GLN C 42 -8.08 7.66 6.81
C GLN C 42 -8.12 6.14 6.92
N VAL C 43 -8.69 5.47 5.93
CA VAL C 43 -8.90 3.99 5.97
C VAL C 43 -7.95 3.36 4.96
N ILE C 44 -7.23 2.33 5.38
CA ILE C 44 -6.37 1.46 4.53
C ILE C 44 -6.94 0.05 4.51
N LEU C 45 -7.33 -0.44 3.34
CA LEU C 45 -7.53 -1.88 3.08
C LEU C 45 -6.25 -2.48 2.51
N ASN C 46 -5.70 -3.45 3.22
CA ASN C 46 -4.37 -4.05 2.96
C ASN C 46 -4.56 -5.54 2.74
N VAL C 47 -4.45 -5.98 1.51
CA VAL C 47 -4.60 -7.43 1.21
C VAL C 47 -3.30 -7.79 0.54
N PRO C 48 -2.23 -8.09 1.31
CA PRO C 48 -0.89 -8.18 0.74
C PRO C 48 -0.67 -9.46 -0.09
N THR C 49 -1.47 -10.52 0.10
CA THR C 49 -1.10 -11.83 -0.57
C THR C 49 -2.29 -12.51 -1.22
N PRO C 50 -3.13 -11.82 -2.02
CA PRO C 50 -4.31 -12.46 -2.57
C PRO C 50 -3.90 -13.15 -3.87
N TYR C 51 -4.71 -14.07 -4.32
CA TYR C 51 -4.65 -14.55 -5.71
C TYR C 51 -6.03 -14.85 -6.23
N ALA C 52 -6.16 -14.87 -7.54
CA ALA C 52 -7.44 -15.16 -8.21
C ALA C 52 -7.22 -16.38 -9.12
N THR C 53 -8.22 -17.23 -9.21
CA THR C 53 -8.16 -18.36 -10.19
C THR C 53 -9.28 -18.17 -11.24
N GLY C 54 -9.00 -18.55 -12.49
CA GLY C 54 -9.95 -18.40 -13.59
C GLY C 54 -9.27 -18.60 -14.92
N ASN C 55 -9.97 -18.42 -16.00
CA ASN C 55 -9.50 -18.76 -17.35
C ASN C 55 -9.69 -17.57 -18.30
N ASN C 56 -9.85 -16.35 -17.81
CA ASN C 56 -9.99 -15.18 -18.73
C ASN C 56 -9.40 -13.93 -18.06
N PHE C 57 -8.08 -13.83 -17.94
CA PHE C 57 -7.37 -12.66 -17.35
C PHE C 57 -7.87 -12.44 -15.92
N PRO C 58 -7.55 -13.34 -14.96
CA PRO C 58 -8.18 -13.27 -13.65
C PRO C 58 -7.72 -12.08 -12.80
N GLY C 59 -8.50 -11.79 -11.79
CA GLY C 59 -8.18 -10.72 -10.86
C GLY C 59 -9.30 -10.49 -9.88
N ILE C 60 -9.07 -9.55 -8.98
CA ILE C 60 -10.04 -9.26 -7.91
C ILE C 60 -10.17 -7.74 -7.76
N TYR C 61 -11.40 -7.29 -7.68
CA TYR C 61 -11.73 -5.93 -7.26
C TYR C 61 -11.93 -5.90 -5.76
N PHE C 62 -11.48 -4.83 -5.13
CA PHE C 62 -11.59 -4.65 -3.67
C PHE C 62 -12.16 -3.29 -3.46
N ALA C 63 -12.96 -3.13 -2.44
CA ALA C 63 -13.54 -1.83 -2.10
C ALA C 63 -13.48 -1.59 -0.59
N ILE C 64 -13.44 -0.33 -0.25
CA ILE C 64 -13.74 0.17 1.11
C ILE C 64 -15.20 0.60 1.06
N ALA C 65 -16.04 0.10 1.97
CA ALA C 65 -17.45 0.45 2.00
C ALA C 65 -17.79 0.89 3.43
N THR C 66 -18.79 1.72 3.56
CA THR C 66 -19.40 2.04 4.88
C THR C 66 -20.83 1.53 4.88
N ASN C 67 -21.61 1.99 5.85
CA ASN C 67 -23.05 1.61 5.89
C ASN C 67 -23.75 2.37 4.77
N GLN C 68 -23.09 3.33 4.13
CA GLN C 68 -23.62 4.10 3.00
C GLN C 68 -23.11 3.62 1.64
N GLY C 69 -22.42 2.49 1.59
CA GLY C 69 -21.96 1.85 0.35
C GLY C 69 -20.49 2.09 0.08
N VAL C 70 -20.08 1.79 -1.14
CA VAL C 70 -18.66 1.87 -1.56
C VAL C 70 -18.12 3.30 -1.57
N VAL C 71 -16.97 3.50 -0.94
CA VAL C 71 -16.26 4.79 -0.85
C VAL C 71 -15.25 4.84 -1.98
N ALA C 72 -14.50 3.78 -2.18
CA ALA C 72 -13.42 3.72 -3.20
C ALA C 72 -13.17 2.26 -3.53
N ASP C 73 -12.67 2.01 -4.73
CA ASP C 73 -12.38 0.61 -5.11
C ASP C 73 -11.23 0.58 -6.09
N GLY C 74 -10.54 -0.56 -6.17
CA GLY C 74 -9.56 -0.80 -7.23
C GLY C 74 -9.45 -2.29 -7.52
N CYS C 75 -8.57 -2.67 -8.41
CA CYS C 75 -8.40 -4.12 -8.67
C CYS C 75 -6.98 -4.45 -9.12
N PHE C 76 -6.60 -5.72 -8.96
CA PHE C 76 -5.41 -6.26 -9.65
C PHE C 76 -5.91 -7.23 -10.68
N THR C 77 -5.16 -7.40 -11.76
CA THR C 77 -5.43 -8.47 -12.74
C THR C 77 -4.12 -9.00 -13.25
N TYR C 78 -4.10 -10.27 -13.63
CA TYR C 78 -2.90 -10.87 -14.27
C TYR C 78 -2.81 -10.36 -15.71
N SER C 79 -1.65 -10.59 -16.34
CA SER C 79 -1.30 -10.12 -17.70
C SER C 79 -1.32 -11.28 -18.71
N SER C 80 -1.85 -12.43 -18.33
CA SER C 80 -2.00 -13.65 -19.17
C SER C 80 -3.43 -14.13 -19.04
N LYS C 81 -4.01 -14.66 -20.12
CA LYS C 81 -5.42 -15.11 -20.08
C LYS C 81 -5.52 -16.24 -19.05
N VAL C 82 -4.60 -17.21 -19.11
CA VAL C 82 -4.57 -18.35 -18.15
C VAL C 82 -3.17 -18.38 -17.57
N PRO C 83 -2.91 -17.65 -16.46
CA PRO C 83 -1.58 -17.60 -15.89
C PRO C 83 -1.02 -19.01 -15.66
N GLU C 84 0.29 -19.15 -15.89
CA GLU C 84 1.01 -20.42 -15.67
C GLU C 84 0.78 -20.84 -14.23
N SER C 85 0.93 -19.90 -13.31
CA SER C 85 0.54 -20.07 -11.88
C SER C 85 -0.04 -18.73 -11.43
N THR C 86 -1.09 -18.76 -10.64
CA THR C 86 -1.77 -17.53 -10.16
C THR C 86 -0.89 -16.98 -9.02
N GLY C 87 0.02 -16.06 -9.33
CA GLY C 87 0.92 -15.48 -8.33
C GLY C 87 0.24 -14.52 -7.36
N ARG C 88 0.92 -14.20 -6.28
CA ARG C 88 0.42 -13.30 -5.22
C ARG C 88 0.65 -11.84 -5.65
N MET C 89 -0.44 -11.09 -5.67
CA MET C 89 -0.50 -9.70 -6.20
C MET C 89 -0.89 -8.76 -5.06
N PRO C 90 0.06 -8.23 -4.30
CA PRO C 90 -0.26 -7.35 -3.16
C PRO C 90 -1.14 -6.16 -3.53
N PHE C 91 -2.14 -5.86 -2.71
CA PHE C 91 -3.18 -4.84 -3.04
C PHE C 91 -3.39 -3.99 -1.80
N THR C 92 -3.31 -2.68 -1.96
CA THR C 92 -3.63 -1.71 -0.88
C THR C 92 -4.57 -0.66 -1.49
N LEU C 93 -5.54 -0.16 -0.70
CA LEU C 93 -6.48 0.88 -1.11
C LEU C 93 -6.59 1.84 0.07
N VAL C 94 -6.49 3.15 -0.20
CA VAL C 94 -6.51 4.20 0.86
C VAL C 94 -7.63 5.19 0.54
N ALA C 95 -8.48 5.49 1.52
CA ALA C 95 -9.60 6.44 1.28
C ALA C 95 -9.86 7.18 2.58
N THR C 96 -10.34 8.40 2.48
CA THR C 96 -10.65 9.27 3.66
C THR C 96 -12.17 9.48 3.69
N ILE C 97 -12.84 9.15 4.79
CA ILE C 97 -14.33 9.25 4.88
C ILE C 97 -14.75 10.33 5.90
N ASP C 98 -15.90 10.99 5.67
CA ASP C 98 -16.59 11.90 6.63
C ASP C 98 -17.48 11.10 7.53
N VAL C 99 -17.11 10.99 8.78
CA VAL C 99 -17.90 10.14 9.69
C VAL C 99 -19.31 10.74 9.92
N GLY C 100 -19.44 12.06 9.93
CA GLY C 100 -20.67 12.76 10.36
C GLY C 100 -21.78 12.68 9.33
N SER C 101 -21.57 12.06 8.17
CA SER C 101 -22.64 11.81 7.18
C SER C 101 -23.59 10.75 7.74
N GLY C 102 -23.14 9.93 8.68
CA GLY C 102 -23.95 8.83 9.22
C GLY C 102 -23.23 7.51 9.14
N VAL C 103 -21.89 7.55 9.13
CA VAL C 103 -21.02 6.35 9.07
C VAL C 103 -21.08 5.64 10.43
N THR C 104 -21.56 4.42 10.48
CA THR C 104 -21.51 3.60 11.69
C THR C 104 -20.44 2.51 11.56
N PHE C 105 -20.04 2.15 10.33
CA PHE C 105 -19.02 1.08 10.21
C PHE C 105 -18.25 1.23 8.91
N VAL C 106 -17.04 0.66 8.86
CA VAL C 106 -16.24 0.60 7.60
C VAL C 106 -15.97 -0.87 7.33
N LYS C 107 -15.97 -1.28 6.06
CA LYS C 107 -15.72 -2.70 5.79
C LYS C 107 -14.98 -2.86 4.48
N GLY C 108 -14.35 -3.98 4.31
CA GLY C 108 -13.76 -4.36 3.02
C GLY C 108 -14.69 -5.25 2.27
N GLN C 109 -14.77 -5.04 0.96
CA GLN C 109 -15.56 -5.94 0.10
C GLN C 109 -14.67 -6.34 -1.07
N TRP C 110 -15.09 -7.35 -1.78
CA TRP C 110 -14.43 -7.80 -3.00
C TRP C 110 -15.44 -8.33 -4.00
N LYS C 111 -15.02 -8.46 -5.26
CA LYS C 111 -15.82 -9.04 -6.32
C LYS C 111 -14.88 -9.55 -7.39
N SER C 112 -15.36 -10.53 -8.13
CA SER C 112 -14.61 -11.27 -9.16
C SER C 112 -14.35 -10.39 -10.37
N VAL C 113 -13.15 -10.53 -10.94
CA VAL C 113 -12.86 -10.04 -12.31
C VAL C 113 -13.14 -11.23 -13.22
N ARG C 114 -14.11 -11.08 -14.11
CA ARG C 114 -14.39 -12.07 -15.17
C ARG C 114 -14.54 -13.49 -14.60
N GLY C 115 -15.39 -13.69 -13.61
CA GLY C 115 -15.69 -15.01 -13.02
C GLY C 115 -14.55 -15.64 -12.21
N SER C 116 -13.51 -14.89 -11.82
CA SER C 116 -12.42 -15.36 -10.93
C SER C 116 -12.91 -15.78 -9.53
N ALA C 117 -12.39 -16.89 -9.04
CA ALA C 117 -12.47 -17.28 -7.62
C ALA C 117 -11.46 -16.42 -6.83
N MET C 118 -11.89 -15.93 -5.68
CA MET C 118 -11.14 -14.96 -4.86
C MET C 118 -10.54 -15.66 -3.67
N HIS C 119 -9.21 -15.51 -3.48
CA HIS C 119 -8.48 -16.25 -2.42
C HIS C 119 -7.71 -15.32 -1.48
N ILE C 120 -8.08 -15.34 -0.21
CA ILE C 120 -7.24 -14.90 0.93
C ILE C 120 -6.94 -16.13 1.82
N ASP C 121 -5.67 -16.43 2.06
CA ASP C 121 -5.26 -17.58 2.88
C ASP C 121 -4.18 -17.16 3.87
N SER C 122 -3.98 -15.87 4.04
CA SER C 122 -2.98 -15.31 4.97
C SER C 122 -3.42 -13.91 5.40
N TYR C 123 -2.62 -13.30 6.25
CA TYR C 123 -2.91 -11.99 6.88
C TYR C 123 -3.45 -10.97 5.87
N ALA C 124 -4.53 -10.27 6.24
CA ALA C 124 -5.11 -9.12 5.52
C ALA C 124 -5.68 -8.18 6.58
N SER C 125 -5.67 -6.90 6.34
CA SER C 125 -6.13 -5.96 7.41
C SER C 125 -6.96 -4.79 6.87
N LEU C 126 -7.72 -4.17 7.78
CA LEU C 126 -8.47 -2.93 7.52
C LEU C 126 -8.14 -2.06 8.72
N SER C 127 -7.61 -0.86 8.51
CA SER C 127 -7.10 0.05 9.57
C SER C 127 -7.68 1.42 9.33
N ALA C 128 -7.82 2.21 10.41
CA ALA C 128 -8.30 3.58 10.24
C ALA C 128 -7.70 4.48 11.30
N ILE C 129 -7.26 5.66 10.89
CA ILE C 129 -6.73 6.69 11.82
C ILE C 129 -7.75 7.79 11.87
N TRP C 130 -8.18 8.20 13.06
CA TRP C 130 -9.21 9.27 13.20
C TRP C 130 -8.51 10.61 13.23
N GLY C 131 -9.04 11.56 12.48
CA GLY C 131 -8.52 12.93 12.46
C GLY C 131 -9.67 13.90 12.27
N THR C 132 -9.35 15.13 11.94
CA THR C 132 -10.36 16.20 11.73
C THR C 132 -10.03 16.83 10.37
N ALA C 133 -10.83 17.79 9.94
CA ALA C 133 -10.50 18.56 8.72
C ALA C 133 -9.35 19.52 9.02
N ALA C 134 -8.86 20.21 7.99
CA ALA C 134 -7.78 21.21 8.09
C ALA C 134 -8.25 22.40 8.94
#